data_6GQP
#
_entry.id   6GQP
#
_cell.length_a   53.160
_cell.length_b   57.200
_cell.length_c   60.790
_cell.angle_alpha   90.00
_cell.angle_beta   109.80
_cell.angle_gamma   90.00
#
_symmetry.space_group_name_H-M   'P 1 21 1'
#
loop_
_entity.id
_entity.type
_entity.pdbx_description
1 polymer 'Vascular endothelial growth factor receptor 2'
2 non-polymer ~{N}-[4-(6,7-dimethoxyquinazolin-4-yl)oxyphenyl]-2-(1-ethylpyrazol-4-yl)ethanamide
3 water water
#
_entity_poly.entity_id   1
_entity_poly.type   'polypeptide(L)'
_entity_poly.pdbx_seq_one_letter_code
;MDPDELPLDEHCERLPYDASKWEFPRDRLKLGKPLGRGAFGQVIEADAFGIDKTATCRTVAVKMLKEGATHSEHRALMSE
LKILIHIGHHLNVVNLLGACTKPGGPLMVIVEFCKFGNLSTYLRSKRNEFVPYKVAPEDLYKDFLTLEHLICYSFQVAKG
MEFLASRKCIHRDLAARNILLSEKNVVKICDFGLARDIYKDPDYVRKGDARLPLKWMAPETIFDRVYTIQSDVWSFGVLL
WEIFSLGASPYPGVKIDEEFCRRLKEGTRMRAPDYTTPEMYQTMLDCWHGEPSQRPTFSELVEHLGNLLQANAQQDENLY
FQ
;
_entity_poly.pdbx_strand_id   A
#
# COMPACT_ATOMS: atom_id res chain seq x y z
N PRO A 16 19.30 10.11 10.16
CA PRO A 16 19.55 10.49 11.56
C PRO A 16 18.44 10.02 12.50
N TYR A 17 18.81 9.69 13.75
CA TYR A 17 17.84 9.28 14.77
C TYR A 17 17.79 10.28 15.92
N ASP A 18 16.70 11.09 15.96
CA ASP A 18 16.47 12.07 17.02
C ASP A 18 15.76 11.36 18.17
N ALA A 19 16.54 10.98 19.19
CA ALA A 19 16.08 10.22 20.35
C ALA A 19 15.15 10.99 21.27
N SER A 20 15.52 12.22 21.67
CA SER A 20 14.71 13.08 22.55
C SER A 20 13.23 13.19 22.09
N LYS A 21 12.99 13.01 20.77
CA LYS A 21 11.65 13.08 20.18
C LYS A 21 10.95 11.71 20.05
N TRP A 22 11.56 10.76 19.31
CA TRP A 22 10.94 9.49 18.91
C TRP A 22 11.03 8.33 19.91
N GLU A 23 11.98 8.33 20.83
CA GLU A 23 12.13 7.23 21.79
C GLU A 23 10.94 7.12 22.75
N PHE A 24 10.31 5.93 22.79
CA PHE A 24 9.16 5.64 23.65
C PHE A 24 9.55 4.55 24.67
N PRO A 25 9.22 4.71 25.97
CA PRO A 25 9.60 3.67 26.95
C PRO A 25 8.84 2.36 26.75
N ARG A 26 9.58 1.22 26.77
CA ARG A 26 9.03 -0.13 26.62
C ARG A 26 7.93 -0.46 27.64
N ASP A 27 8.04 0.10 28.86
CA ASP A 27 7.08 -0.15 29.94
C ASP A 27 5.74 0.64 29.77
N ARG A 28 5.64 1.50 28.75
CA ARG A 28 4.41 2.25 28.47
C ARG A 28 3.66 1.69 27.25
N LEU A 29 4.11 0.52 26.75
CA LEU A 29 3.54 -0.18 25.60
C LEU A 29 2.99 -1.55 26.06
N LYS A 30 1.71 -1.82 25.79
CA LYS A 30 1.03 -3.07 26.17
C LYS A 30 0.72 -3.88 24.89
N LEU A 31 1.56 -4.87 24.61
CA LEU A 31 1.46 -5.74 23.43
C LEU A 31 0.25 -6.66 23.51
N GLY A 32 -0.44 -6.79 22.38
CA GLY A 32 -1.63 -7.64 22.23
C GLY A 32 -1.42 -8.75 21.21
N LYS A 33 -2.47 -9.09 20.45
CA LYS A 33 -2.46 -10.17 19.46
C LYS A 33 -1.70 -9.84 18.14
N PRO A 34 -1.03 -10.85 17.51
CA PRO A 34 -0.37 -10.59 16.23
C PRO A 34 -1.40 -10.31 15.13
N LEU A 35 -1.07 -9.39 14.20
CA LEU A 35 -1.91 -9.03 13.07
C LEU A 35 -1.25 -9.67 11.83
N GLY A 36 -1.89 -10.66 11.24
CA GLY A 36 -1.37 -11.38 10.08
C GLY A 36 -0.17 -12.29 10.39
N ARG A 37 0.45 -12.83 9.32
CA ARG A 37 1.60 -13.72 9.47
C ARG A 37 2.79 -13.23 8.66
N GLY A 38 3.97 -13.24 9.29
CA GLY A 38 5.21 -12.81 8.66
C GLY A 38 6.29 -13.88 8.56
N ALA A 39 7.37 -13.57 7.83
CA ALA A 39 8.52 -14.47 7.63
C ALA A 39 9.58 -14.22 8.73
N PHE A 40 10.27 -13.07 8.69
CA PHE A 40 11.29 -12.69 9.68
C PHE A 40 10.85 -11.47 10.52
N GLY A 41 9.72 -10.88 10.15
CA GLY A 41 9.11 -9.74 10.84
C GLY A 41 7.69 -10.06 11.27
N GLN A 42 7.13 -9.24 12.13
CA GLN A 42 5.76 -9.43 12.61
C GLN A 42 5.13 -8.09 12.99
N VAL A 43 3.83 -7.92 12.70
CA VAL A 43 3.04 -6.74 13.10
C VAL A 43 2.18 -7.19 14.31
N ILE A 44 2.21 -6.41 15.41
CA ILE A 44 1.46 -6.73 16.63
C ILE A 44 0.57 -5.55 17.00
N GLU A 45 -0.68 -5.83 17.40
CA GLU A 45 -1.60 -4.79 17.86
C GLU A 45 -1.19 -4.45 19.32
N ALA A 46 -1.14 -3.16 19.69
CA ALA A 46 -0.76 -2.78 21.05
C ALA A 46 -1.50 -1.54 21.56
N ASP A 47 -1.37 -1.26 22.87
CA ASP A 47 -1.94 -0.06 23.48
C ASP A 47 -0.84 0.69 24.21
N ALA A 48 -0.57 1.89 23.70
CA ALA A 48 0.47 2.79 24.19
C ALA A 48 -0.13 3.85 25.08
N PHE A 49 0.59 4.25 26.13
CA PHE A 49 0.14 5.28 27.07
C PHE A 49 0.87 6.60 26.81
N GLY A 50 0.14 7.58 26.28
CA GLY A 50 0.65 8.92 26.00
C GLY A 50 1.71 9.06 24.92
N ILE A 51 1.57 8.28 23.83
CA ILE A 51 2.50 8.36 22.69
C ILE A 51 2.36 9.66 21.88
N ASP A 52 1.13 10.20 21.76
CA ASP A 52 0.85 11.39 20.95
C ASP A 52 0.19 12.51 21.74
N LYS A 53 -0.74 12.16 22.63
CA LYS A 53 -1.44 13.13 23.50
C LYS A 53 -1.09 12.79 24.94
N THR A 54 -0.85 13.80 25.77
CA THR A 54 -0.47 13.61 27.17
C THR A 54 -1.42 12.67 27.96
N ALA A 55 -0.83 11.57 28.52
CA ALA A 55 -1.51 10.59 29.39
C ALA A 55 -2.82 10.00 28.80
N THR A 56 -2.83 9.73 27.49
CA THR A 56 -3.99 9.19 26.79
C THR A 56 -3.66 7.81 26.20
N CYS A 57 -4.49 6.77 26.51
CA CYS A 57 -4.32 5.43 25.92
C CYS A 57 -4.66 5.50 24.43
N ARG A 58 -3.92 4.77 23.57
CA ARG A 58 -4.12 4.75 22.12
C ARG A 58 -3.74 3.39 21.52
N THR A 59 -4.65 2.80 20.72
CA THR A 59 -4.35 1.55 19.99
C THR A 59 -3.38 1.88 18.86
N VAL A 60 -2.28 1.11 18.77
CA VAL A 60 -1.22 1.27 17.77
C VAL A 60 -0.88 -0.09 17.15
N ALA A 61 -0.10 -0.07 16.05
CA ALA A 61 0.42 -1.27 15.40
C ALA A 61 1.95 -1.20 15.59
N VAL A 62 2.58 -2.32 15.94
CA VAL A 62 4.01 -2.36 16.23
C VAL A 62 4.69 -3.36 15.29
N LYS A 63 5.71 -2.91 14.56
CA LYS A 63 6.46 -3.84 13.70
C LYS A 63 7.73 -4.22 14.42
N MET A 64 8.01 -5.53 14.50
CA MET A 64 9.21 -6.05 15.16
C MET A 64 9.70 -7.36 14.51
N LEU A 65 10.88 -7.84 14.88
CA LEU A 65 11.41 -9.09 14.33
C LEU A 65 10.96 -10.31 15.15
N LYS A 66 11.08 -11.50 14.55
CA LYS A 66 10.74 -12.76 15.20
C LYS A 66 11.88 -13.77 15.12
N GLU A 67 11.72 -14.93 15.77
CA GLU A 67 12.73 -16.00 15.75
C GLU A 67 13.11 -16.38 14.31
N GLY A 68 14.42 -16.48 14.07
CA GLY A 68 14.94 -16.79 12.74
C GLY A 68 15.60 -15.59 12.09
N ALA A 69 15.17 -14.36 12.48
CA ALA A 69 15.76 -13.11 11.98
C ALA A 69 17.21 -12.98 12.46
N THR A 70 18.07 -12.34 11.66
CA THR A 70 19.49 -12.17 11.95
C THR A 70 19.83 -10.69 12.05
N HIS A 71 21.13 -10.35 12.24
CA HIS A 71 21.65 -8.97 12.30
C HIS A 71 21.25 -8.16 11.03
N SER A 72 21.20 -8.84 9.85
CA SER A 72 20.82 -8.29 8.54
C SER A 72 19.41 -7.67 8.55
N GLU A 73 18.42 -8.39 9.12
CA GLU A 73 17.01 -7.92 9.24
C GLU A 73 16.91 -6.79 10.28
N HIS A 74 17.75 -6.84 11.34
CA HIS A 74 17.84 -5.80 12.37
C HIS A 74 18.31 -4.47 11.75
N ARG A 75 19.36 -4.52 10.86
CA ARG A 75 19.86 -3.35 10.10
C ARG A 75 18.77 -2.83 9.16
N ALA A 76 18.02 -3.76 8.50
CA ALA A 76 16.92 -3.37 7.59
C ALA A 76 15.76 -2.68 8.32
N LEU A 77 15.40 -3.15 9.54
CA LEU A 77 14.32 -2.53 10.33
C LEU A 77 14.77 -1.12 10.82
N MET A 78 16.06 -0.95 11.20
CA MET A 78 16.61 0.35 11.61
C MET A 78 16.57 1.33 10.42
N SER A 79 16.84 0.84 9.19
CA SER A 79 16.80 1.64 7.97
C SER A 79 15.41 2.15 7.67
N GLU A 80 14.39 1.32 7.92
CA GLU A 80 12.98 1.66 7.73
C GLU A 80 12.58 2.80 8.70
N LEU A 81 13.08 2.74 9.95
CA LEU A 81 12.81 3.77 10.95
C LEU A 81 13.41 5.10 10.50
N LYS A 82 14.69 5.10 10.04
CA LYS A 82 15.37 6.32 9.55
C LYS A 82 14.64 6.93 8.33
N ILE A 83 14.17 6.09 7.40
CA ILE A 83 13.41 6.53 6.21
C ILE A 83 12.10 7.21 6.65
N LEU A 84 11.36 6.58 7.60
CA LEU A 84 10.12 7.13 8.14
C LEU A 84 10.35 8.47 8.84
N ILE A 85 11.51 8.65 9.52
CA ILE A 85 11.80 9.93 10.16
C ILE A 85 12.01 10.99 9.06
N HIS A 86 12.81 10.65 8.02
CA HIS A 86 13.08 11.53 6.89
C HIS A 86 11.82 11.98 6.13
N ILE A 87 10.92 11.04 5.79
CA ILE A 87 9.71 11.31 5.02
C ILE A 87 8.76 12.30 5.74
N GLY A 88 8.50 12.06 7.02
CA GLY A 88 7.60 12.91 7.78
C GLY A 88 6.16 12.45 7.59
N HIS A 89 5.21 13.22 8.12
CA HIS A 89 3.83 12.78 8.06
C HIS A 89 3.02 13.37 6.90
N HIS A 90 2.02 12.59 6.45
CA HIS A 90 1.01 12.93 5.44
C HIS A 90 -0.20 12.04 5.74
N LEU A 91 -1.41 12.55 5.49
CA LEU A 91 -2.68 11.84 5.73
C LEU A 91 -2.76 10.48 5.01
N ASN A 92 -2.20 10.39 3.80
CA ASN A 92 -2.32 9.16 3.03
C ASN A 92 -1.06 8.26 3.05
N VAL A 93 -0.28 8.32 4.15
CA VAL A 93 0.87 7.44 4.43
C VAL A 93 0.69 6.94 5.89
N VAL A 94 1.03 5.67 6.19
CA VAL A 94 0.97 5.14 7.56
C VAL A 94 2.12 5.84 8.30
N ASN A 95 1.80 6.68 9.27
CA ASN A 95 2.75 7.53 9.96
C ASN A 95 3.36 6.98 11.24
N LEU A 96 4.66 7.29 11.40
CA LEU A 96 5.48 6.94 12.55
C LEU A 96 5.00 7.71 13.79
N LEU A 97 4.85 6.99 14.92
CA LEU A 97 4.44 7.57 16.21
C LEU A 97 5.57 7.50 17.24
N GLY A 98 6.48 6.50 17.10
CA GLY A 98 7.59 6.32 18.04
C GLY A 98 8.36 5.03 17.85
N ALA A 99 9.40 4.82 18.67
CA ALA A 99 10.23 3.62 18.60
C ALA A 99 10.91 3.25 19.91
N CYS A 100 11.17 1.93 20.09
CA CYS A 100 11.92 1.36 21.22
C CYS A 100 13.23 0.83 20.61
N THR A 101 14.34 1.58 20.82
CA THR A 101 15.66 1.26 20.27
C THR A 101 16.74 0.95 21.33
N LYS A 102 16.49 1.23 22.62
CA LYS A 102 17.46 1.06 23.70
C LYS A 102 17.90 -0.41 23.94
N PRO A 103 19.18 -0.63 24.35
CA PRO A 103 19.64 -2.02 24.60
C PRO A 103 18.83 -2.77 25.66
N GLY A 104 18.87 -4.09 25.60
CA GLY A 104 18.17 -4.95 26.54
C GLY A 104 16.78 -5.38 26.13
N GLY A 105 16.35 -4.94 24.94
CA GLY A 105 15.05 -5.25 24.38
C GLY A 105 15.10 -5.24 22.85
N PRO A 106 14.08 -5.81 22.16
CA PRO A 106 14.08 -5.81 20.68
C PRO A 106 13.76 -4.44 20.08
N LEU A 107 14.15 -4.22 18.82
CA LEU A 107 13.85 -3.00 18.09
C LEU A 107 12.36 -3.02 17.72
N MET A 108 11.62 -1.95 18.07
CA MET A 108 10.18 -1.90 17.78
C MET A 108 9.80 -0.59 17.10
N VAL A 109 9.14 -0.67 15.92
CA VAL A 109 8.72 0.51 15.16
C VAL A 109 7.18 0.65 15.31
N ILE A 110 6.75 1.75 15.94
CA ILE A 110 5.35 2.04 16.29
C ILE A 110 4.70 2.99 15.29
N VAL A 111 3.59 2.55 14.66
CA VAL A 111 2.85 3.33 13.65
C VAL A 111 1.37 3.41 14.05
N GLU A 112 0.59 4.21 13.30
CA GLU A 112 -0.85 4.36 13.57
C GLU A 112 -1.62 3.11 13.13
N PHE A 113 -2.64 2.74 13.92
CA PHE A 113 -3.49 1.58 13.72
C PHE A 113 -4.59 1.89 12.67
N CYS A 114 -4.75 1.00 11.67
CA CYS A 114 -5.74 1.15 10.59
C CYS A 114 -6.71 -0.02 10.72
N LYS A 115 -7.87 0.24 11.38
CA LYS A 115 -8.83 -0.79 11.82
C LYS A 115 -9.43 -1.71 10.75
N PHE A 116 -9.48 -1.32 9.49
CA PHE A 116 -10.10 -2.21 8.51
C PHE A 116 -9.10 -3.10 7.75
N GLY A 117 -7.81 -2.97 8.06
CA GLY A 117 -6.75 -3.75 7.39
C GLY A 117 -6.45 -3.34 5.96
N ASN A 118 -5.84 -4.25 5.17
CA ASN A 118 -5.45 -3.98 3.78
C ASN A 118 -6.66 -3.87 2.85
N LEU A 119 -6.51 -3.05 1.78
CA LEU A 119 -7.57 -2.73 0.82
C LEU A 119 -8.01 -3.91 -0.05
N SER A 120 -7.07 -4.75 -0.54
CA SER A 120 -7.41 -5.92 -1.34
C SER A 120 -8.41 -6.84 -0.63
N THR A 121 -8.10 -7.23 0.64
CA THR A 121 -8.97 -8.11 1.46
C THR A 121 -10.32 -7.43 1.72
N TYR A 122 -10.30 -6.11 2.05
CA TYR A 122 -11.52 -5.35 2.35
C TYR A 122 -12.51 -5.28 1.21
N LEU A 123 -12.04 -4.87 0.02
CA LEU A 123 -12.88 -4.75 -1.18
C LEU A 123 -13.48 -6.10 -1.59
N ARG A 124 -12.70 -7.19 -1.48
CA ARG A 124 -13.16 -8.55 -1.82
C ARG A 124 -14.30 -9.00 -0.90
N SER A 125 -14.15 -8.80 0.42
CA SER A 125 -15.15 -9.16 1.43
C SER A 125 -16.45 -8.36 1.26
N LYS A 126 -16.36 -7.13 0.69
CA LYS A 126 -17.52 -6.25 0.48
C LYS A 126 -18.02 -6.14 -0.98
N ARG A 127 -17.57 -7.07 -1.86
CA ARG A 127 -17.92 -7.14 -3.30
C ARG A 127 -19.44 -7.18 -3.56
N ASN A 128 -20.19 -7.87 -2.69
CA ASN A 128 -21.65 -7.97 -2.82
C ASN A 128 -22.37 -6.68 -2.38
N GLU A 129 -21.83 -5.94 -1.38
CA GLU A 129 -22.43 -4.71 -0.84
C GLU A 129 -21.98 -3.47 -1.64
N PHE A 130 -22.13 -3.54 -2.98
CA PHE A 130 -21.76 -2.46 -3.89
C PHE A 130 -22.90 -2.13 -4.83
N VAL A 131 -23.10 -0.82 -5.04
CA VAL A 131 -24.05 -0.23 -5.98
C VAL A 131 -23.29 0.92 -6.67
N PRO A 132 -23.36 1.11 -8.02
CA PRO A 132 -22.61 2.22 -8.65
C PRO A 132 -22.99 3.60 -8.13
N TYR A 133 -24.30 3.82 -7.86
CA TYR A 133 -24.85 5.07 -7.33
C TYR A 133 -25.99 4.78 -6.37
N LYS A 134 -26.11 5.60 -5.31
CA LYS A 134 -27.17 5.48 -4.33
C LYS A 134 -28.45 6.12 -4.86
N VAL A 135 -29.52 5.31 -5.03
CA VAL A 135 -30.82 5.78 -5.51
C VAL A 135 -31.78 5.89 -4.30
N ALA A 136 -32.20 7.14 -4.01
CA ALA A 136 -33.05 7.54 -2.89
C ALA A 136 -34.44 6.87 -2.86
N PRO A 137 -34.99 6.50 -1.66
CA PRO A 137 -34.46 6.73 -0.30
C PRO A 137 -33.81 5.54 0.43
N GLU A 138 -34.09 4.28 0.05
CA GLU A 138 -33.62 3.07 0.71
C GLU A 138 -32.10 2.91 0.81
N ASP A 139 -31.35 3.21 -0.28
CA ASP A 139 -29.88 3.08 -0.33
C ASP A 139 -29.11 4.00 0.63
N LEU A 140 -29.74 5.14 1.04
CA LEU A 140 -29.18 6.17 1.91
C LEU A 140 -28.62 5.70 3.26
N TYR A 141 -29.38 4.85 3.99
CA TYR A 141 -29.00 4.38 5.32
C TYR A 141 -28.26 3.03 5.30
N LYS A 142 -28.13 2.42 4.11
CA LYS A 142 -27.37 1.17 3.94
C LYS A 142 -25.92 1.58 3.64
N ASP A 143 -24.94 0.95 4.33
CA ASP A 143 -23.53 1.27 4.17
C ASP A 143 -22.90 0.57 2.96
N PHE A 144 -23.39 0.91 1.76
CA PHE A 144 -22.87 0.34 0.53
C PHE A 144 -21.63 1.09 0.03
N LEU A 145 -20.77 0.36 -0.69
CA LEU A 145 -19.62 0.89 -1.41
C LEU A 145 -20.17 1.37 -2.74
N THR A 146 -19.68 2.50 -3.26
CA THR A 146 -20.15 3.09 -4.51
C THR A 146 -18.96 3.45 -5.41
N LEU A 147 -19.22 3.98 -6.64
CA LEU A 147 -18.17 4.45 -7.53
C LEU A 147 -17.44 5.63 -6.88
N GLU A 148 -18.18 6.51 -6.15
CA GLU A 148 -17.61 7.65 -5.41
C GLU A 148 -16.51 7.19 -4.43
N HIS A 149 -16.77 6.11 -3.65
CA HIS A 149 -15.82 5.52 -2.71
C HIS A 149 -14.54 5.07 -3.44
N LEU A 150 -14.70 4.34 -4.55
CA LEU A 150 -13.61 3.75 -5.35
C LEU A 150 -12.70 4.80 -5.99
N ILE A 151 -13.28 5.86 -6.61
CA ILE A 151 -12.56 7.01 -7.19
C ILE A 151 -11.88 7.78 -6.02
N CYS A 152 -12.55 7.88 -4.86
CA CYS A 152 -12.01 8.55 -3.66
C CYS A 152 -10.75 7.86 -3.13
N TYR A 153 -10.75 6.51 -3.02
CA TYR A 153 -9.59 5.74 -2.55
C TYR A 153 -8.40 5.89 -3.54
N SER A 154 -8.70 5.88 -4.87
CA SER A 154 -7.76 6.04 -5.98
C SER A 154 -7.04 7.41 -5.90
N PHE A 155 -7.82 8.51 -5.76
CA PHE A 155 -7.35 9.89 -5.59
C PHE A 155 -6.44 10.02 -4.33
N GLN A 156 -6.84 9.40 -3.19
CA GLN A 156 -6.05 9.43 -1.93
C GLN A 156 -4.68 8.75 -2.10
N VAL A 157 -4.60 7.62 -2.84
CA VAL A 157 -3.32 6.91 -3.08
C VAL A 157 -2.39 7.76 -3.99
N ALA A 158 -2.98 8.45 -5.00
CA ALA A 158 -2.21 9.31 -5.91
C ALA A 158 -1.59 10.49 -5.11
N LYS A 159 -2.34 11.07 -4.14
CA LYS A 159 -1.90 12.16 -3.25
C LYS A 159 -0.74 11.71 -2.36
N GLY A 160 -0.87 10.53 -1.75
CA GLY A 160 0.16 9.89 -0.95
C GLY A 160 1.43 9.62 -1.74
N MET A 161 1.30 9.15 -3.00
CA MET A 161 2.44 8.84 -3.88
C MET A 161 3.17 10.12 -4.38
N GLU A 162 2.38 11.20 -4.63
CA GLU A 162 2.90 12.52 -5.02
C GLU A 162 3.75 13.06 -3.85
N PHE A 163 3.26 12.90 -2.59
CA PHE A 163 4.01 13.29 -1.38
C PHE A 163 5.34 12.51 -1.24
N LEU A 164 5.32 11.19 -1.52
N LEU A 164 5.31 11.19 -1.54
CA LEU A 164 6.52 10.34 -1.45
CA LEU A 164 6.48 10.32 -1.48
C LEU A 164 7.54 10.73 -2.51
C LEU A 164 7.53 10.73 -2.51
N ALA A 165 7.07 11.13 -3.70
CA ALA A 165 7.92 11.60 -4.81
C ALA A 165 8.61 12.91 -4.41
N SER A 166 7.88 13.81 -3.72
CA SER A 166 8.37 15.13 -3.28
C SER A 166 9.50 15.02 -2.23
N ARG A 167 9.57 13.89 -1.54
CA ARG A 167 10.57 13.57 -0.52
C ARG A 167 11.72 12.74 -1.10
N LYS A 168 11.74 12.58 -2.45
CA LYS A 168 12.74 11.85 -3.26
C LYS A 168 12.81 10.33 -2.91
N CYS A 169 11.62 9.73 -2.66
CA CYS A 169 11.45 8.31 -2.34
C CYS A 169 10.67 7.58 -3.44
N ILE A 170 10.91 6.28 -3.58
CA ILE A 170 10.16 5.39 -4.48
C ILE A 170 9.69 4.18 -3.68
N HIS A 171 8.46 3.70 -3.93
CA HIS A 171 7.89 2.58 -3.18
C HIS A 171 8.52 1.21 -3.51
N ARG A 172 8.46 0.76 -4.78
CA ARG A 172 8.99 -0.53 -5.29
C ARG A 172 8.07 -1.76 -5.06
N ASP A 173 7.01 -1.64 -4.21
CA ASP A 173 6.05 -2.74 -4.01
C ASP A 173 4.61 -2.19 -3.85
N LEU A 174 4.23 -1.24 -4.75
CA LEU A 174 2.91 -0.61 -4.70
C LEU A 174 1.84 -1.59 -5.22
N ALA A 175 0.81 -1.86 -4.41
CA ALA A 175 -0.30 -2.81 -4.65
C ALA A 175 -1.39 -2.59 -3.60
N ALA A 176 -2.61 -3.12 -3.84
CA ALA A 176 -3.74 -2.99 -2.90
C ALA A 176 -3.44 -3.64 -1.53
N ARG A 177 -2.62 -4.72 -1.49
CA ARG A 177 -2.21 -5.38 -0.25
C ARG A 177 -1.30 -4.47 0.60
N ASN A 178 -0.72 -3.39 0.00
CA ASN A 178 0.10 -2.42 0.75
C ASN A 178 -0.62 -1.06 0.95
N ILE A 179 -1.98 -1.09 0.92
CA ILE A 179 -2.86 0.05 1.23
C ILE A 179 -3.70 -0.38 2.43
N LEU A 180 -3.71 0.43 3.52
CA LEU A 180 -4.52 0.14 4.71
C LEU A 180 -5.70 1.10 4.79
N LEU A 181 -6.84 0.61 5.30
CA LEU A 181 -8.05 1.43 5.41
C LEU A 181 -8.32 1.81 6.85
N SER A 182 -8.34 3.11 7.14
CA SER A 182 -8.59 3.64 8.48
C SER A 182 -10.05 4.09 8.60
N GLU A 183 -10.40 4.81 9.68
CA GLU A 183 -11.75 5.34 9.89
C GLU A 183 -12.01 6.53 8.95
N LYS A 184 -13.30 6.88 8.77
CA LYS A 184 -13.79 8.00 7.95
C LYS A 184 -13.29 7.97 6.48
N ASN A 185 -13.15 6.75 5.93
CA ASN A 185 -12.73 6.46 4.54
C ASN A 185 -11.31 6.95 4.19
N VAL A 186 -10.40 7.05 5.17
CA VAL A 186 -9.02 7.46 4.91
C VAL A 186 -8.17 6.21 4.59
N VAL A 187 -7.47 6.21 3.45
CA VAL A 187 -6.58 5.11 3.05
C VAL A 187 -5.11 5.56 3.20
N LYS A 188 -4.22 4.61 3.56
CA LYS A 188 -2.81 4.90 3.84
C LYS A 188 -1.85 3.93 3.17
N ILE A 189 -0.85 4.49 2.45
CA ILE A 189 0.21 3.69 1.82
C ILE A 189 1.15 3.13 2.92
N CYS A 190 1.48 1.82 2.82
CA CYS A 190 2.42 1.18 3.76
C CYS A 190 3.39 0.26 3.04
N ASP A 191 4.28 -0.40 3.79
CA ASP A 191 5.18 -1.42 3.26
C ASP A 191 5.41 -2.46 4.36
N PHE A 192 4.80 -3.65 4.22
CA PHE A 192 4.96 -4.71 5.24
C PHE A 192 6.41 -5.26 5.31
N GLY A 193 7.15 -5.25 4.21
CA GLY A 193 8.49 -5.80 4.15
C GLY A 193 8.48 -7.27 4.53
N LEU A 194 9.41 -7.70 5.40
CA LEU A 194 9.48 -9.11 5.81
C LEU A 194 8.51 -9.48 6.97
N ALA A 195 7.54 -8.56 7.29
CA ALA A 195 6.40 -8.78 8.18
C ALA A 195 5.21 -9.41 7.37
N ARG A 196 5.45 -9.65 6.05
CA ARG A 196 4.58 -10.41 5.15
C ARG A 196 5.40 -11.65 4.77
N ASP A 197 4.79 -12.84 4.80
CA ASP A 197 5.50 -14.07 4.40
C ASP A 197 5.45 -14.20 2.86
N ILE A 198 6.40 -13.53 2.17
CA ILE A 198 6.50 -13.47 0.71
C ILE A 198 6.86 -14.84 0.08
N TYR A 199 7.37 -15.78 0.90
CA TYR A 199 7.75 -17.13 0.45
C TYR A 199 6.53 -18.03 0.31
N LYS A 200 5.45 -17.75 1.07
CA LYS A 200 4.18 -18.49 1.02
C LYS A 200 3.17 -17.80 0.09
N ASP A 201 3.23 -16.47 0.00
CA ASP A 201 2.30 -15.62 -0.76
C ASP A 201 2.37 -15.80 -2.30
N PRO A 202 1.23 -16.22 -2.93
CA PRO A 202 1.20 -16.38 -4.41
C PRO A 202 1.45 -15.10 -5.24
N ASP A 203 1.27 -13.90 -4.66
CA ASP A 203 1.52 -12.63 -5.38
C ASP A 203 3.02 -12.40 -5.69
N TYR A 204 3.91 -13.17 -5.03
CA TYR A 204 5.36 -13.06 -5.21
C TYR A 204 5.84 -14.31 -5.96
N VAL A 205 6.54 -14.12 -7.08
CA VAL A 205 7.02 -15.23 -7.92
C VAL A 205 8.55 -15.37 -7.84
N ARG A 206 9.04 -16.63 -7.78
CA ARG A 206 10.48 -16.93 -7.72
C ARG A 206 11.14 -16.59 -9.08
N LYS A 207 12.09 -15.64 -9.05
CA LYS A 207 12.85 -15.19 -10.23
C LYS A 207 14.32 -15.14 -9.80
N GLY A 208 15.08 -16.16 -10.19
CA GLY A 208 16.47 -16.31 -9.81
C GLY A 208 16.59 -16.73 -8.36
N ASP A 209 17.23 -15.88 -7.54
CA ASP A 209 17.40 -16.10 -6.11
C ASP A 209 16.42 -15.27 -5.27
N ALA A 210 15.49 -14.54 -5.94
CA ALA A 210 14.54 -13.65 -5.28
C ALA A 210 13.06 -13.97 -5.54
N ARG A 211 12.16 -13.46 -4.67
CA ARG A 211 10.70 -13.58 -4.74
C ARG A 211 10.15 -12.20 -5.11
N LEU A 212 9.66 -12.01 -6.35
CA LEU A 212 9.24 -10.68 -6.81
C LEU A 212 7.75 -10.52 -7.21
N PRO A 213 7.14 -9.31 -6.99
CA PRO A 213 5.74 -9.10 -7.40
C PRO A 213 5.56 -8.86 -8.92
N LEU A 214 5.79 -9.91 -9.74
CA LEU A 214 5.76 -9.87 -11.20
C LEU A 214 4.52 -9.21 -11.83
N LYS A 215 3.30 -9.50 -11.34
CA LYS A 215 2.04 -8.94 -11.86
C LYS A 215 1.90 -7.41 -11.70
N TRP A 216 2.71 -6.80 -10.82
CA TRP A 216 2.68 -5.35 -10.54
C TRP A 216 3.88 -4.62 -11.15
N MET A 217 4.87 -5.36 -11.69
CA MET A 217 6.13 -4.79 -12.22
C MET A 217 6.08 -4.29 -13.68
N ALA A 218 6.69 -3.11 -13.92
CA ALA A 218 6.80 -2.48 -15.25
C ALA A 218 7.79 -3.27 -16.15
N PRO A 219 7.68 -3.25 -17.50
CA PRO A 219 8.63 -4.02 -18.33
C PRO A 219 10.11 -3.69 -18.12
N GLU A 220 10.46 -2.40 -17.91
CA GLU A 220 11.86 -1.99 -17.66
C GLU A 220 12.36 -2.53 -16.31
N THR A 221 11.43 -2.86 -15.40
CA THR A 221 11.73 -3.44 -14.08
C THR A 221 11.98 -4.96 -14.24
N ILE A 222 11.10 -5.67 -14.99
CA ILE A 222 11.23 -7.11 -15.24
C ILE A 222 12.53 -7.43 -16.04
N PHE A 223 12.70 -6.78 -17.20
CA PHE A 223 13.79 -7.01 -18.14
C PHE A 223 15.10 -6.27 -17.84
N ASP A 224 15.06 -5.04 -17.29
CA ASP A 224 16.29 -4.27 -17.07
C ASP A 224 16.64 -3.96 -15.60
N ARG A 225 15.82 -4.45 -14.63
CA ARG A 225 15.99 -4.23 -13.17
C ARG A 225 16.04 -2.73 -12.80
N VAL A 226 15.32 -1.88 -13.58
CA VAL A 226 15.22 -0.42 -13.42
C VAL A 226 13.99 -0.06 -12.56
N TYR A 227 14.22 0.58 -11.40
CA TYR A 227 13.18 1.05 -10.47
C TYR A 227 13.22 2.59 -10.44
N THR A 228 12.11 3.24 -10.86
CA THR A 228 11.95 4.70 -10.84
C THR A 228 10.52 5.05 -10.35
N ILE A 229 10.22 6.36 -10.15
CA ILE A 229 8.89 6.82 -9.78
C ILE A 229 7.88 6.50 -10.92
N GLN A 230 8.35 6.37 -12.18
CA GLN A 230 7.48 6.05 -13.32
C GLN A 230 7.14 4.55 -13.39
N SER A 231 8.00 3.68 -12.80
CA SER A 231 7.64 2.25 -12.69
C SER A 231 6.65 2.09 -11.51
N ASP A 232 6.62 3.07 -10.56
CA ASP A 232 5.60 3.08 -9.47
C ASP A 232 4.27 3.50 -10.11
N VAL A 233 4.31 4.35 -11.18
CA VAL A 233 3.11 4.76 -11.93
C VAL A 233 2.49 3.51 -12.60
N TRP A 234 3.33 2.62 -13.18
CA TRP A 234 2.87 1.36 -13.79
C TRP A 234 2.12 0.50 -12.73
N SER A 235 2.70 0.32 -11.51
CA SER A 235 2.12 -0.46 -10.42
C SER A 235 0.82 0.16 -9.94
N PHE A 236 0.71 1.52 -10.02
CA PHE A 236 -0.48 2.26 -9.66
C PHE A 236 -1.64 1.89 -10.60
N GLY A 237 -1.33 1.73 -11.90
CA GLY A 237 -2.27 1.29 -12.93
C GLY A 237 -2.84 -0.07 -12.58
N VAL A 238 -1.99 -0.97 -12.04
CA VAL A 238 -2.36 -2.32 -11.58
C VAL A 238 -3.28 -2.20 -10.35
N LEU A 239 -2.94 -1.31 -9.40
N LEU A 239 -2.94 -1.33 -9.37
CA LEU A 239 -3.69 -1.02 -8.18
CA LEU A 239 -3.77 -1.09 -8.18
C LEU A 239 -5.11 -0.49 -8.52
C LEU A 239 -5.16 -0.53 -8.54
N LEU A 240 -5.24 0.33 -9.59
CA LEU A 240 -6.52 0.90 -10.09
C LEU A 240 -7.38 -0.26 -10.60
N TRP A 241 -6.77 -1.25 -11.29
CA TRP A 241 -7.47 -2.45 -11.77
C TRP A 241 -7.99 -3.29 -10.58
N GLU A 242 -7.22 -3.42 -9.49
CA GLU A 242 -7.62 -4.18 -8.29
C GLU A 242 -8.82 -3.50 -7.59
N ILE A 243 -8.84 -2.15 -7.58
CA ILE A 243 -9.94 -1.39 -6.94
C ILE A 243 -11.24 -1.55 -7.76
N PHE A 244 -11.17 -1.36 -9.09
CA PHE A 244 -12.37 -1.40 -9.93
C PHE A 244 -12.76 -2.83 -10.38
N SER A 245 -12.13 -3.86 -9.78
CA SER A 245 -12.48 -5.28 -9.93
C SER A 245 -12.97 -5.76 -8.56
N LEU A 246 -12.95 -4.85 -7.57
CA LEU A 246 -13.28 -5.08 -6.15
C LEU A 246 -12.48 -6.27 -5.55
N GLY A 247 -11.16 -6.14 -5.56
CA GLY A 247 -10.23 -7.09 -4.97
C GLY A 247 -9.94 -8.39 -5.71
N ALA A 248 -10.02 -8.37 -7.06
CA ALA A 248 -9.72 -9.58 -7.82
C ALA A 248 -8.20 -9.62 -8.06
N SER A 249 -7.67 -10.80 -8.43
CA SER A 249 -6.23 -10.97 -8.71
C SER A 249 -5.90 -10.57 -10.16
N PRO A 250 -4.87 -9.72 -10.38
CA PRO A 250 -4.53 -9.30 -11.76
C PRO A 250 -4.24 -10.45 -12.73
N TYR A 251 -4.41 -10.19 -14.05
CA TYR A 251 -4.20 -11.14 -15.17
C TYR A 251 -4.90 -12.50 -14.94
N PRO A 252 -6.25 -12.55 -14.73
CA PRO A 252 -6.90 -13.84 -14.46
C PRO A 252 -6.78 -14.87 -15.57
N GLY A 253 -6.40 -16.09 -15.19
CA GLY A 253 -6.23 -17.23 -16.08
C GLY A 253 -4.88 -17.34 -16.76
N VAL A 254 -4.10 -16.23 -16.76
CA VAL A 254 -2.79 -16.14 -17.42
C VAL A 254 -1.68 -16.76 -16.57
N LYS A 255 -0.93 -17.70 -17.16
CA LYS A 255 0.22 -18.35 -16.52
C LYS A 255 1.37 -17.32 -16.51
N ILE A 256 1.88 -16.98 -15.32
CA ILE A 256 2.96 -16.00 -15.16
C ILE A 256 4.33 -16.66 -15.42
N ASP A 257 4.71 -16.70 -16.71
CA ASP A 257 5.96 -17.29 -17.19
C ASP A 257 6.69 -16.39 -18.20
N GLU A 258 7.56 -16.99 -19.05
CA GLU A 258 8.35 -16.29 -20.07
C GLU A 258 7.48 -15.65 -21.15
N GLU A 259 6.43 -16.36 -21.62
CA GLU A 259 5.47 -15.88 -22.62
C GLU A 259 4.72 -14.63 -22.13
N PHE A 260 4.32 -14.62 -20.84
CA PHE A 260 3.65 -13.47 -20.20
C PHE A 260 4.50 -12.19 -20.29
N CYS A 261 5.79 -12.30 -19.92
CA CYS A 261 6.77 -11.22 -19.92
C CYS A 261 7.01 -10.70 -21.35
N ARG A 262 7.10 -11.64 -22.32
CA ARG A 262 7.29 -11.35 -23.75
C ARG A 262 6.13 -10.51 -24.31
N ARG A 263 4.88 -10.96 -24.06
CA ARG A 263 3.63 -10.30 -24.51
C ARG A 263 3.46 -8.89 -23.93
N LEU A 264 3.79 -8.71 -22.62
CA LEU A 264 3.74 -7.43 -21.91
C LEU A 264 4.73 -6.43 -22.51
N LYS A 265 5.92 -6.92 -22.91
CA LYS A 265 6.99 -6.14 -23.57
C LYS A 265 6.56 -5.70 -24.99
N GLU A 266 5.62 -6.44 -25.62
CA GLU A 266 5.12 -6.14 -26.98
C GLU A 266 3.83 -5.28 -26.98
N GLY A 267 3.24 -5.04 -25.81
CA GLY A 267 2.06 -4.18 -25.68
C GLY A 267 0.74 -4.84 -25.32
N THR A 268 0.79 -6.10 -24.80
CA THR A 268 -0.41 -6.81 -24.34
C THR A 268 -0.77 -6.25 -22.96
N ARG A 269 -2.05 -5.85 -22.78
CA ARG A 269 -2.56 -5.26 -21.54
C ARG A 269 -3.83 -5.97 -21.05
N MET A 270 -4.18 -5.78 -19.76
CA MET A 270 -5.39 -6.35 -19.16
C MET A 270 -6.67 -5.79 -19.78
N ARG A 271 -7.74 -6.59 -19.79
CA ARG A 271 -9.05 -6.15 -20.26
C ARG A 271 -9.68 -5.41 -19.06
N ALA A 272 -10.60 -4.48 -19.33
CA ALA A 272 -11.28 -3.67 -18.31
C ALA A 272 -11.95 -4.48 -17.18
N PRO A 273 -11.80 -4.07 -15.90
CA PRO A 273 -12.49 -4.81 -14.81
C PRO A 273 -14.01 -4.59 -14.81
N ASP A 274 -14.75 -5.42 -14.05
CA ASP A 274 -16.23 -5.41 -14.00
C ASP A 274 -16.89 -4.15 -13.45
N TYR A 275 -16.25 -3.41 -12.52
CA TYR A 275 -16.90 -2.23 -11.92
C TYR A 275 -16.29 -0.88 -12.33
N THR A 276 -15.56 -0.83 -13.47
CA THR A 276 -14.93 0.41 -13.95
C THR A 276 -15.86 1.27 -14.82
N THR A 277 -15.49 2.54 -15.02
CA THR A 277 -16.11 3.50 -15.93
C THR A 277 -15.13 3.64 -17.11
N PRO A 278 -15.54 4.07 -18.34
CA PRO A 278 -14.57 4.16 -19.46
C PRO A 278 -13.32 5.01 -19.21
N GLU A 279 -13.48 6.19 -18.57
CA GLU A 279 -12.39 7.12 -18.25
C GLU A 279 -11.40 6.55 -17.19
N MET A 280 -11.89 5.73 -16.22
CA MET A 280 -10.98 5.07 -15.26
C MET A 280 -10.17 3.97 -15.95
N TYR A 281 -10.77 3.25 -16.94
CA TYR A 281 -10.01 2.22 -17.68
C TYR A 281 -8.98 2.88 -18.59
N GLN A 282 -9.32 4.05 -19.17
CA GLN A 282 -8.40 4.81 -20.03
C GLN A 282 -7.20 5.34 -19.21
N THR A 283 -7.43 5.63 -17.91
CA THR A 283 -6.40 6.06 -16.96
C THR A 283 -5.43 4.87 -16.72
N MET A 284 -5.97 3.61 -16.60
CA MET A 284 -5.14 2.39 -16.44
C MET A 284 -4.20 2.21 -17.63
N LEU A 285 -4.73 2.34 -18.87
CA LEU A 285 -3.98 2.21 -20.13
C LEU A 285 -2.84 3.22 -20.23
N ASP A 286 -3.09 4.50 -19.87
CA ASP A 286 -2.08 5.57 -19.87
C ASP A 286 -0.94 5.25 -18.90
N CYS A 287 -1.27 4.76 -17.64
CA CYS A 287 -0.32 4.33 -16.63
C CYS A 287 0.55 3.17 -17.16
N TRP A 288 0.00 2.34 -18.08
CA TRP A 288 0.69 1.21 -18.71
C TRP A 288 1.29 1.53 -20.08
N HIS A 289 1.67 2.80 -20.32
CA HIS A 289 2.35 3.15 -21.57
C HIS A 289 3.71 2.43 -21.56
N GLY A 290 4.10 1.86 -22.69
CA GLY A 290 5.36 1.16 -22.85
C GLY A 290 6.57 1.98 -22.50
N GLU A 291 6.55 3.28 -22.87
CA GLU A 291 7.62 4.24 -22.59
C GLU A 291 7.39 4.91 -21.22
N PRO A 292 8.35 4.78 -20.26
CA PRO A 292 8.15 5.36 -18.91
C PRO A 292 7.91 6.87 -18.88
N SER A 293 8.59 7.63 -19.76
CA SER A 293 8.49 9.09 -19.87
C SER A 293 7.09 9.54 -20.35
N GLN A 294 6.37 8.67 -21.06
CA GLN A 294 5.04 8.91 -21.61
C GLN A 294 3.90 8.58 -20.65
N ARG A 295 4.20 7.95 -19.50
CA ARG A 295 3.22 7.63 -18.47
C ARG A 295 2.93 8.96 -17.74
N PRO A 296 1.69 9.19 -17.19
CA PRO A 296 1.47 10.46 -16.46
C PRO A 296 2.26 10.51 -15.14
N THR A 297 2.45 11.70 -14.56
CA THR A 297 3.13 11.81 -13.27
C THR A 297 2.09 11.64 -12.15
N PHE A 298 2.52 11.49 -10.88
CA PHE A 298 1.58 11.41 -9.77
C PHE A 298 0.82 12.77 -9.58
N SER A 299 1.49 13.92 -9.85
CA SER A 299 0.88 15.26 -9.79
C SER A 299 -0.26 15.40 -10.83
N GLU A 300 -0.07 14.81 -12.03
CA GLU A 300 -1.05 14.80 -13.13
C GLU A 300 -2.25 13.91 -12.75
N LEU A 301 -2.00 12.73 -12.14
CA LEU A 301 -3.01 11.77 -11.67
C LEU A 301 -3.91 12.39 -10.60
N VAL A 302 -3.33 13.18 -9.66
CA VAL A 302 -4.07 13.89 -8.60
C VAL A 302 -5.05 14.88 -9.27
N GLU A 303 -4.56 15.68 -10.26
CA GLU A 303 -5.39 16.63 -11.03
C GLU A 303 -6.56 15.90 -11.74
N HIS A 304 -6.24 14.84 -12.51
CA HIS A 304 -7.23 14.06 -13.25
C HIS A 304 -8.28 13.33 -12.35
N LEU A 305 -7.83 12.70 -11.26
CA LEU A 305 -8.77 11.99 -10.36
C LEU A 305 -9.69 12.93 -9.59
N GLY A 306 -9.16 14.08 -9.19
CA GLY A 306 -9.91 15.14 -8.52
C GLY A 306 -11.07 15.63 -9.38
N ASN A 307 -10.83 15.80 -10.71
CA ASN A 307 -11.85 16.20 -11.69
C ASN A 307 -12.91 15.13 -11.89
N LEU A 308 -12.51 13.83 -11.86
CA LEU A 308 -13.46 12.72 -12.02
C LEU A 308 -14.36 12.62 -10.80
N LEU A 309 -13.81 12.89 -9.60
CA LEU A 309 -14.52 12.88 -8.34
C LEU A 309 -15.56 14.01 -8.27
N GLN A 310 -15.27 15.15 -8.93
CA GLN A 310 -16.18 16.29 -9.04
C GLN A 310 -17.26 16.01 -10.11
N ALA A 311 -16.89 15.25 -11.16
CA ALA A 311 -17.83 14.86 -12.23
C ALA A 311 -18.79 13.79 -11.71
N ASN A 312 -18.31 12.88 -10.82
CA ASN A 312 -19.09 11.80 -10.21
C ASN A 312 -20.18 12.31 -9.25
N ALA A 313 -19.95 13.49 -8.62
CA ALA A 313 -20.88 14.11 -7.67
C ALA A 313 -22.15 14.63 -8.35
#